data_9D34
#
_entry.id   9D34
#
_cell.length_a   51.339
_cell.length_b   51.339
_cell.length_c   88.280
_cell.angle_alpha   90.00
_cell.angle_beta   90.00
_cell.angle_gamma   90.00
#
_symmetry.space_group_name_H-M   'P 43 21 2'
#
loop_
_entity.id
_entity.type
_entity.pdbx_description
1 polymer 'RB1-inducible coiled-coil protein 1'
2 polymer 'TNFAIP3-interacting protein 1'
3 water water
#
loop_
_entity_poly.entity_id
_entity_poly.type
_entity_poly.pdbx_seq_one_letter_code
_entity_poly.pdbx_strand_id
1 'polypeptide(L)'
;SRHSEKIAIRDFQVGDLVLIILDERHDNYVLFTVSPTLYFLHSESLPALDLKPGEGASGASRRPWVLGKVMEKEYCQAKK
AQNRFKVPLGTKFYRVKAVSWNKKV
;
A
2 'polypeptide(L)' GTS(SEP)EFEVVTPEE C
#
# COMPACT_ATOMS: atom_id res chain seq x y z
N GLU A 5 -8.57 2.33 -18.78
CA GLU A 5 -8.59 2.70 -17.37
C GLU A 5 -9.52 1.83 -16.54
N LYS A 6 -9.04 0.63 -16.29
CA LYS A 6 -9.73 -0.37 -15.48
C LYS A 6 -8.77 -0.87 -14.43
N ILE A 7 -9.21 -0.85 -13.18
CA ILE A 7 -8.31 -1.12 -12.05
C ILE A 7 -8.58 -2.49 -11.45
N ALA A 8 -7.53 -3.12 -10.95
CA ALA A 8 -7.67 -4.27 -10.07
C ALA A 8 -8.15 -3.81 -8.70
N ILE A 9 -8.81 -4.69 -7.98
CA ILE A 9 -9.39 -4.39 -6.67
C ILE A 9 -9.12 -5.43 -5.63
N ARG A 10 -8.36 -6.48 -5.94
CA ARG A 10 -7.89 -7.46 -4.96
C ARG A 10 -6.84 -8.31 -5.63
N ASP A 11 -6.16 -9.12 -4.82
CA ASP A 11 -5.24 -10.13 -5.30
C ASP A 11 -4.22 -9.56 -6.28
N PHE A 12 -3.64 -8.43 -5.87
CA PHE A 12 -2.90 -7.58 -6.79
C PHE A 12 -1.63 -8.28 -7.25
N GLN A 13 -1.31 -8.06 -8.53
CA GLN A 13 -0.18 -8.68 -9.18
C GLN A 13 0.71 -7.62 -9.80
N VAL A 14 1.99 -7.94 -9.98
CA VAL A 14 2.88 -7.04 -10.72
C VAL A 14 2.27 -6.79 -12.09
N GLY A 15 2.22 -5.53 -12.48
CA GLY A 15 1.63 -5.11 -13.73
C GLY A 15 0.21 -4.59 -13.62
N ASP A 16 -0.46 -4.83 -12.52
CA ASP A 16 -1.83 -4.35 -12.39
C ASP A 16 -1.91 -2.83 -12.28
N LEU A 17 -2.87 -2.23 -12.98
CA LEU A 17 -3.30 -0.86 -12.75
C LEU A 17 -4.15 -0.82 -11.49
N VAL A 18 -3.81 0.08 -10.60
CA VAL A 18 -4.43 0.17 -9.29
C VAL A 18 -4.69 1.64 -8.94
N LEU A 19 -5.64 1.85 -8.03
CA LEU A 19 -5.95 3.16 -7.50
C LEU A 19 -5.32 3.22 -6.12
N ILE A 20 -4.45 4.21 -5.93
CA ILE A 20 -3.73 4.45 -4.69
C ILE A 20 -4.42 5.61 -4.00
N ILE A 21 -4.89 5.39 -2.78
CA ILE A 21 -5.72 6.33 -2.05
C ILE A 21 -5.16 6.60 -0.67
N LEU A 22 -5.43 7.81 -0.17
CA LEU A 22 -5.01 8.13 1.19
C LEU A 22 -5.94 7.45 2.19
N ASP A 23 -5.35 6.72 3.15
CA ASP A 23 -6.06 6.07 4.26
C ASP A 23 -5.64 6.85 5.52
N GLU A 24 -6.56 7.70 5.98
CA GLU A 24 -6.26 8.54 7.13
C GLU A 24 -6.12 7.72 8.40
N ARG A 25 -6.99 6.71 8.56
CA ARG A 25 -6.95 5.88 9.77
C ARG A 25 -5.58 5.25 9.96
N HIS A 26 -4.98 4.74 8.88
CA HIS A 26 -3.67 4.12 8.93
C HIS A 26 -2.55 5.08 8.52
N ASP A 27 -2.87 6.36 8.32
CA ASP A 27 -1.91 7.42 8.01
C ASP A 27 -0.94 7.01 6.90
N ASN A 28 -1.45 6.33 5.90
CA ASN A 28 -0.59 5.96 4.79
C ASN A 28 -1.45 5.91 3.53
N TYR A 29 -0.80 5.86 2.38
CA TYR A 29 -1.46 5.52 1.14
C TYR A 29 -1.58 4.01 1.05
N VAL A 30 -2.72 3.55 0.52
CA VAL A 30 -3.00 2.14 0.32
C VAL A 30 -3.56 1.95 -1.08
N LEU A 31 -3.57 0.71 -1.53
CA LEU A 31 -4.31 0.36 -2.74
C LEU A 31 -5.78 0.24 -2.39
N PHE A 32 -6.60 0.83 -3.20
CA PHE A 32 -8.03 0.63 -3.06
C PHE A 32 -8.38 -0.84 -3.32
N THR A 33 -9.13 -1.45 -2.40
CA THR A 33 -9.42 -2.87 -2.49
C THR A 33 -10.75 -3.19 -1.80
N VAL A 34 -11.36 -4.28 -2.28
CA VAL A 34 -12.53 -4.84 -1.61
C VAL A 34 -12.15 -5.90 -0.60
N SER A 35 -10.86 -6.19 -0.45
CA SER A 35 -10.48 -7.19 0.53
C SER A 35 -10.16 -6.52 1.86
N PRO A 36 -10.29 -7.22 2.97
CA PRO A 36 -9.86 -6.63 4.25
C PRO A 36 -8.37 -6.63 4.44
N THR A 37 -7.62 -7.33 3.58
CA THR A 37 -6.16 -7.27 3.64
C THR A 37 -5.65 -5.90 3.16
N LEU A 38 -4.76 -5.32 3.95
CA LEU A 38 -4.22 -4.01 3.59
C LEU A 38 -3.02 -4.15 2.67
N TYR A 39 -3.01 -3.31 1.64
N TYR A 39 -3.02 -3.36 1.60
CA TYR A 39 -1.90 -3.18 0.72
CA TYR A 39 -1.85 -3.24 0.72
C TYR A 39 -1.37 -1.76 0.83
C TYR A 39 -1.36 -1.80 0.83
N PHE A 40 -0.38 -1.58 1.70
CA PHE A 40 0.18 -0.25 1.87
C PHE A 40 1.13 0.11 0.73
N LEU A 41 1.11 1.38 0.32
CA LEU A 41 2.12 1.86 -0.60
C LEU A 41 3.47 1.96 0.13
N HIS A 42 4.50 1.34 -0.45
CA HIS A 42 5.84 1.39 0.09
C HIS A 42 6.32 2.83 0.06
N SER A 43 6.96 3.25 1.15
CA SER A 43 7.39 4.64 1.23
C SER A 43 8.33 5.03 0.09
N GLU A 44 9.08 4.06 -0.45
CA GLU A 44 10.03 4.36 -1.52
C GLU A 44 9.31 4.87 -2.76
N SER A 45 8.00 4.56 -2.89
CA SER A 45 7.30 4.89 -4.11
C SER A 45 6.71 6.28 -4.08
N LEU A 46 6.75 6.98 -2.94
N LEU A 46 6.72 6.96 -2.91
CA LEU A 46 6.05 8.27 -2.88
CA LEU A 46 6.07 8.26 -2.82
C LEU A 46 6.66 9.32 -3.80
C LEU A 46 6.66 9.26 -3.82
N PRO A 47 7.99 9.41 -3.95
CA PRO A 47 8.52 10.40 -4.91
C PRO A 47 8.12 10.14 -6.34
N ALA A 48 8.16 8.88 -6.77
CA ALA A 48 7.81 8.51 -8.13
C ALA A 48 6.37 8.88 -8.46
N LEU A 49 5.49 8.83 -7.48
CA LEU A 49 4.08 9.13 -7.71
C LEU A 49 3.73 10.57 -7.37
N ASP A 50 4.72 11.38 -7.05
CA ASP A 50 4.51 12.78 -6.70
C ASP A 50 3.58 12.89 -5.50
N LEU A 51 3.77 12.02 -4.53
CA LEU A 51 3.06 12.05 -3.26
C LEU A 51 4.04 12.43 -2.17
N LYS A 52 3.52 12.76 -0.99
CA LYS A 52 4.32 13.21 0.14
C LYS A 52 3.84 12.46 1.38
N PRO A 53 4.61 12.47 2.46
CA PRO A 53 4.46 11.74 3.73
C PRO A 53 4.19 12.73 4.83
N ARG A 62 -3.48 17.12 0.74
CA ARG A 62 -2.83 15.99 0.09
C ARG A 62 -3.61 15.47 -1.12
N ARG A 63 -2.89 14.96 -2.12
CA ARG A 63 -3.49 14.29 -3.26
C ARG A 63 -4.31 13.14 -2.72
N PRO A 64 -5.63 13.08 -2.98
CA PRO A 64 -6.45 12.03 -2.37
C PRO A 64 -6.26 10.68 -3.01
N TRP A 65 -5.83 10.66 -4.27
CA TRP A 65 -5.65 9.40 -4.99
C TRP A 65 -4.83 9.67 -6.23
N VAL A 66 -4.24 8.59 -6.74
CA VAL A 66 -3.46 8.62 -7.97
C VAL A 66 -3.55 7.21 -8.54
N LEU A 67 -3.48 7.10 -9.85
CA LEU A 67 -3.41 5.80 -10.49
C LEU A 67 -1.97 5.36 -10.61
N GLY A 68 -1.72 4.08 -10.42
CA GLY A 68 -0.37 3.56 -10.57
C GLY A 68 -0.35 2.14 -11.08
N LYS A 69 0.85 1.65 -11.35
CA LYS A 69 1.08 0.25 -11.71
C LYS A 69 1.92 -0.43 -10.64
N VAL A 70 1.47 -1.61 -10.21
CA VAL A 70 2.19 -2.39 -9.21
C VAL A 70 3.49 -2.90 -9.83
N MET A 71 4.59 -2.68 -9.13
CA MET A 71 5.93 -3.08 -9.59
C MET A 71 6.52 -4.17 -8.72
N GLU A 72 6.15 -4.26 -7.45
CA GLU A 72 6.76 -5.19 -6.51
C GLU A 72 5.84 -5.28 -5.30
N LYS A 73 5.81 -6.44 -4.63
CA LYS A 73 4.96 -6.62 -3.46
C LYS A 73 5.72 -7.49 -2.47
N GLU A 74 5.53 -7.21 -1.19
CA GLU A 74 6.12 -8.00 -0.14
C GLU A 74 5.09 -8.21 0.96
N TYR A 75 5.04 -9.43 1.50
CA TYR A 75 4.08 -9.82 2.52
C TYR A 75 4.78 -9.71 3.87
N CYS A 76 4.14 -9.00 4.80
CA CYS A 76 4.73 -8.64 6.07
C CYS A 76 3.80 -8.96 7.22
N GLN A 77 4.37 -9.03 8.42
CA GLN A 77 3.60 -9.20 9.64
C GLN A 77 4.08 -8.20 10.68
N ALA A 78 3.14 -7.49 11.30
CA ALA A 78 3.50 -6.56 12.37
C ALA A 78 3.99 -7.32 13.60
N LYS A 79 5.22 -7.02 14.01
CA LYS A 79 5.79 -7.66 15.19
C LYS A 79 5.72 -6.78 16.43
N LYS A 80 5.20 -5.55 16.30
CA LYS A 80 5.11 -4.59 17.41
C LYS A 80 3.77 -3.89 17.34
N ALA A 81 3.19 -3.60 18.51
CA ALA A 81 1.86 -2.97 18.53
C ALA A 81 1.92 -1.52 18.09
N GLN A 82 3.01 -0.83 18.41
CA GLN A 82 3.27 0.53 17.95
C GLN A 82 4.04 0.39 16.65
N ASN A 83 3.40 0.68 15.51
CA ASN A 83 4.08 0.59 14.22
C ASN A 83 3.57 1.69 13.29
N ARG A 84 4.35 1.91 12.21
CA ARG A 84 4.09 2.98 11.28
C ARG A 84 2.79 2.80 10.53
N PHE A 85 2.21 1.60 10.55
CA PHE A 85 1.01 1.29 9.78
C PHE A 85 -0.24 1.37 10.62
N LYS A 86 -0.10 1.56 11.93
CA LYS A 86 -1.24 1.67 12.84
C LYS A 86 -2.12 0.43 12.78
N VAL A 87 -1.49 -0.74 12.66
CA VAL A 87 -2.21 -2.00 12.63
C VAL A 87 -1.98 -2.78 13.91
N PRO A 88 -2.90 -3.65 14.32
CA PRO A 88 -2.68 -4.45 15.52
C PRO A 88 -1.49 -5.40 15.40
N LEU A 89 -0.90 -5.71 16.55
CA LEU A 89 0.13 -6.74 16.60
C LEU A 89 -0.37 -8.00 15.89
N GLY A 90 0.47 -8.57 15.06
CA GLY A 90 0.15 -9.79 14.37
C GLY A 90 -0.49 -9.61 13.01
N THR A 91 -0.91 -8.40 12.65
CA THR A 91 -1.54 -8.18 11.35
C THR A 91 -0.59 -8.56 10.24
N LYS A 92 -1.09 -9.32 9.27
CA LYS A 92 -0.37 -9.55 8.02
C LYS A 92 -0.90 -8.58 6.95
N PHE A 93 0.02 -7.96 6.23
CA PHE A 93 -0.32 -6.92 5.27
C PHE A 93 0.74 -6.93 4.19
N TYR A 94 0.50 -6.23 3.11
CA TYR A 94 1.49 -6.12 2.06
C TYR A 94 2.04 -4.70 1.98
N ARG A 95 3.27 -4.58 1.49
CA ARG A 95 3.84 -3.30 1.07
C ARG A 95 4.10 -3.42 -0.42
N VAL A 96 3.64 -2.44 -1.20
CA VAL A 96 3.67 -2.50 -2.64
C VAL A 96 4.43 -1.29 -3.18
N LYS A 97 5.41 -1.54 -4.04
CA LYS A 97 6.02 -0.48 -4.81
C LYS A 97 5.22 -0.28 -6.08
N ALA A 98 4.99 0.97 -6.43
CA ALA A 98 4.20 1.30 -7.61
C ALA A 98 4.82 2.50 -8.34
N VAL A 99 4.50 2.61 -9.62
CA VAL A 99 4.95 3.77 -10.38
C VAL A 99 3.74 4.41 -11.05
N SER A 100 3.88 5.65 -11.48
CA SER A 100 2.76 6.37 -12.05
C SER A 100 2.32 5.72 -13.36
N TRP A 101 1.05 5.85 -13.67
CA TRP A 101 0.57 5.46 -14.98
C TRP A 101 0.28 6.65 -15.89
N GLU B 5 9.72 -3.29 13.40
CA GLU B 5 8.28 -3.08 13.54
C GLU B 5 7.54 -4.20 12.84
N PHE B 6 8.15 -4.75 11.79
CA PHE B 6 7.51 -5.79 11.01
C PHE B 6 8.61 -6.61 10.35
N GLU B 7 8.24 -7.76 9.82
CA GLU B 7 9.18 -8.64 9.16
C GLU B 7 8.47 -9.31 8.01
N VAL B 8 9.26 -9.72 7.03
CA VAL B 8 8.71 -10.32 5.81
C VAL B 8 8.42 -11.79 6.08
N VAL B 9 7.26 -12.23 5.63
CA VAL B 9 6.74 -13.55 5.93
C VAL B 9 6.58 -14.39 4.66
#